data_2EEW
#
_entry.id   2EEW
#
_cell.length_a   133.107
_cell.length_b   35.258
_cell.length_c   42.010
_cell.angle_alpha   90.00
_cell.angle_beta   90.83
_cell.angle_gamma   90.00
#
_symmetry.space_group_name_H-M   'C 1 2 1'
#
loop_
_entity.id
_entity.type
_entity.pdbx_description
1 polymer 'Guanine riboswitch'
2 non-polymer 'ACETATE ION'
3 non-polymer 'COBALT HEXAMMINE(III)'
4 non-polymer HYPOXANTHINE
5 water water
#
_entity_poly.entity_id   1
_entity_poly.type   'polyribonucleotide'
_entity_poly.pdbx_seq_one_letter_code
;GGACAUAUAAUCGCGUGGAUAUGGCACGCAAGCUUCUACCGGGCACCGUAAAUGUCCGACUAUGUCC
;
_entity_poly.pdbx_strand_id   A
#
loop_
_chem_comp.id
_chem_comp.type
_chem_comp.name
_chem_comp.formula
A RNA linking ADENOSINE-5'-MONOPHOSPHATE 'C10 H14 N5 O7 P'
ACT non-polymer 'ACETATE ION' 'C2 H3 O2 -1'
C RNA linking CYTIDINE-5'-MONOPHOSPHATE 'C9 H14 N3 O8 P'
G RNA linking GUANOSINE-5'-MONOPHOSPHATE 'C10 H14 N5 O8 P'
HPA non-polymer HYPOXANTHINE 'C5 H4 N4 O'
NCO non-polymer 'COBALT HEXAMMINE(III)' 'Co H18 N6 3'
U RNA linking URIDINE-5'-MONOPHOSPHATE 'C9 H13 N2 O9 P'
#
# COMPACT_ATOMS: atom_id res chain seq x y z
C ACT B . 2.09 -7.85 -4.38
O ACT B . 3.00 -7.69 -3.53
OXT ACT B . 2.21 -8.07 -5.67
CH3 ACT B . 0.67 -7.76 -3.87
CO NCO C . -8.00 -5.86 -6.96
N1 NCO C . -7.21 -7.66 -6.94
N2 NCO C . -8.78 -4.06 -6.98
N3 NCO C . -9.45 -6.50 -5.81
N4 NCO C . -6.55 -5.23 -8.10
N5 NCO C . -6.96 -5.38 -5.35
N6 NCO C . -9.04 -6.35 -8.57
CO NCO D . 10.40 -2.24 1.71
N1 NCO D . 9.24 -2.80 3.20
N2 NCO D . 11.56 -1.69 0.23
N3 NCO D . 9.67 -0.42 1.81
N4 NCO D . 11.14 -4.07 1.61
N5 NCO D . 11.80 -1.74 3.00
N6 NCO D . 8.99 -2.74 0.42
CO NCO E . 1.15 -1.44 3.30
N1 NCO E . 0.49 -1.81 5.12
N2 NCO E . 1.81 -1.06 1.49
N3 NCO E . 1.60 0.40 3.84
N4 NCO E . 0.70 -3.26 2.76
N5 NCO E . 2.95 -2.04 3.82
N6 NCO E . -0.65 -0.83 2.77
CO NCO F . 0.65 -8.25 -11.80
N1 NCO F . 0.30 -9.45 -10.28
N2 NCO F . 1.01 -7.07 -13.31
N3 NCO F . -1.27 -7.86 -11.93
N4 NCO F . 2.57 -8.66 -11.66
N5 NCO F . 0.88 -6.76 -10.56
N6 NCO F . 0.43 -9.75 -13.04
CO NCO G . 6.05 -9.04 7.49
N1 NCO G . 5.18 -9.33 9.24
N2 NCO G . 6.92 -8.75 5.74
N3 NCO G . 4.50 -7.99 6.88
N4 NCO G . 7.61 -10.07 8.09
N5 NCO G . 6.88 -7.39 8.17
N6 NCO G . 5.22 -10.68 6.80
CO NCO H . -8.55 7.48 8.16
N1 NCO H . -8.76 5.57 8.55
N2 NCO H . -8.33 9.40 7.77
N3 NCO H . -10.48 7.63 7.82
N4 NCO H . -6.62 7.35 8.50
N5 NCO H . -8.86 7.91 10.05
N6 NCO H . -8.24 7.06 6.27
CO NCO I . 7.08 -14.59 -11.76
N1 NCO I . 5.21 -14.84 -11.21
N2 NCO I . 8.96 -14.34 -12.30
N3 NCO I . 7.21 -13.01 -10.58
N4 NCO I . 6.96 -16.17 -12.92
N5 NCO I . 7.67 -15.74 -10.27
N6 NCO I . 6.50 -13.45 -13.24
CO NCO J . -4.39 14.17 14.01
N1 NCO J . -3.84 14.81 15.79
N2 NCO J . -4.92 13.53 12.23
N3 NCO J . -3.90 15.91 13.24
N4 NCO J . -4.86 12.43 14.78
N5 NCO J . -2.55 13.52 13.68
N6 NCO J . -6.20 14.81 14.33
N1 HPA K . -2.39 16.56 0.06
C2 HPA K . -1.72 16.80 -1.13
N3 HPA K . -2.37 17.14 -2.26
C4 HPA K . -3.72 17.20 -2.11
C5 HPA K . -4.45 16.96 -0.95
C6 HPA K . -3.77 16.62 0.26
O6 HPA K . -4.22 16.38 1.39
N7 HPA K . -5.77 17.14 -1.24
C8 HPA K . -5.84 17.46 -2.56
N9 HPA K . -4.59 17.51 -3.12
#